data_7ULN
#
_entry.id   7ULN
#
_cell.length_a   46.434
_cell.length_b   74.859
_cell.length_c   130.779
_cell.angle_alpha   90.000
_cell.angle_beta   90.000
_cell.angle_gamma   90.000
#
_symmetry.space_group_name_H-M   'P 21 21 21'
#
loop_
_entity.id
_entity.type
_entity.pdbx_description
1 polymer 'Minor capsid protein P3-RTD'
2 water water
#
_entity_poly.entity_id   1
_entity_poly.type   'polypeptide(L)'
_entity_poly.pdbx_seq_one_letter_code
;KKYRFIVYTGVPVTRIMAQSTDDAISLYDMPSQRFRYIEDENMNWTNLDSRWYSQNSLKAIPMIIVPVPQGEWTVEISME
GYQPTSSTTDPNKDKQDGLIAYNDDLSEGWNVGIYNNVEITNNKADNTLKYGHPDMELNGCHFNQGQCLERDGDLTCHIK
TTGDNASFFVVGPAVQKQSKYNYAVSYGAWTDRMMEIGMIAIALDEQGSSGSVKTERPKRVGHSMAVSTWETIKLPEK
;
_entity_poly.pdbx_strand_id   A,B
#
# COMPACT_ATOMS: atom_id res chain seq x y z
N LYS A 1 -34.52 -1.55 -8.59
CA LYS A 1 -34.03 -2.54 -9.55
CA LYS A 1 -34.03 -2.55 -9.54
C LYS A 1 -32.56 -2.31 -9.87
N LYS A 2 -32.15 -1.06 -10.03
CA LYS A 2 -30.74 -0.75 -10.20
C LYS A 2 -30.17 -0.37 -8.83
N TYR A 3 -29.20 -1.14 -8.36
CA TYR A 3 -28.68 -1.00 -7.02
C TYR A 3 -27.45 -0.10 -7.03
N ARG A 4 -27.35 0.78 -6.03
CA ARG A 4 -26.28 1.75 -5.99
C ARG A 4 -24.97 1.10 -5.55
N PHE A 5 -23.86 1.74 -5.97
CA PHE A 5 -22.52 1.31 -5.61
C PHE A 5 -21.68 2.56 -5.37
N ILE A 6 -21.16 2.70 -4.15
CA ILE A 6 -20.43 3.89 -3.73
C ILE A 6 -19.05 3.47 -3.26
N VAL A 7 -18.02 4.22 -3.66
CA VAL A 7 -16.66 3.94 -3.21
C VAL A 7 -16.05 5.19 -2.58
N TYR A 8 -15.40 5.02 -1.42
CA TYR A 8 -14.55 6.03 -0.82
C TYR A 8 -13.13 5.48 -0.78
N THR A 9 -12.15 6.27 -1.19
CA THR A 9 -10.75 5.87 -1.05
C THR A 9 -9.95 7.06 -0.52
N GLY A 10 -9.04 6.80 0.40
CA GLY A 10 -8.27 7.91 0.95
C GLY A 10 -7.07 7.39 1.72
N VAL A 11 -6.17 8.31 2.00
CA VAL A 11 -5.00 8.04 2.83
C VAL A 11 -4.98 9.04 3.96
N PRO A 12 -5.67 8.79 5.06
CA PRO A 12 -5.72 9.76 6.15
C PRO A 12 -4.35 10.02 6.73
N VAL A 13 -4.16 11.26 7.19
CA VAL A 13 -2.91 11.71 7.80
C VAL A 13 -3.26 12.53 9.02
N THR A 14 -2.27 12.72 9.88
CA THR A 14 -2.46 13.58 11.05
C THR A 14 -1.10 14.11 11.48
N ARG A 15 -1.10 15.16 12.29
CA ARG A 15 0.12 15.85 12.68
C ARG A 15 0.51 15.44 14.09
N ILE A 16 1.80 15.18 14.29
CA ILE A 16 2.31 14.81 15.61
C ILE A 16 3.47 15.73 16.00
N MET A 17 3.88 15.62 17.26
CA MET A 17 5.02 16.34 17.80
C MET A 17 6.00 15.34 18.37
N ALA A 18 7.25 15.37 17.91
CA ALA A 18 8.25 14.40 18.34
C ALA A 18 9.57 15.10 18.61
N GLN A 19 10.22 14.72 19.71
CA GLN A 19 11.53 15.32 20.11
C GLN A 19 12.64 14.31 19.83
N SER A 20 12.81 13.32 20.72
CA SER A 20 13.86 12.29 20.56
C SER A 20 13.23 10.89 20.56
N THR A 21 13.96 9.88 20.07
CA THR A 21 13.45 8.49 20.02
C THR A 21 13.21 7.98 21.44
N ASP A 22 13.71 8.72 22.44
CA ASP A 22 13.54 8.34 23.83
C ASP A 22 12.34 9.01 24.47
N ASP A 23 11.66 9.87 23.75
CA ASP A 23 10.55 10.64 24.29
C ASP A 23 9.23 10.20 23.68
N ALA A 24 8.19 10.23 24.51
CA ALA A 24 6.82 10.06 24.01
C ALA A 24 6.48 11.16 23.02
N ILE A 25 5.56 10.85 22.12
CA ILE A 25 5.07 11.81 21.14
C ILE A 25 3.76 12.42 21.62
N SER A 26 3.50 13.63 21.15
CA SER A 26 2.20 14.27 21.31
C SER A 26 1.47 14.26 19.97
N LEU A 27 0.16 14.41 20.04
CA LEU A 27 -0.71 14.35 18.88
C LEU A 27 -1.56 15.61 18.80
N TYR A 28 -1.62 16.22 17.62
CA TYR A 28 -2.64 17.23 17.35
C TYR A 28 -4.02 16.57 17.27
N ASP A 29 -5.05 17.39 17.42
CA ASP A 29 -6.40 16.93 17.06
C ASP A 29 -6.38 16.44 15.61
N MET A 30 -7.15 15.41 15.32
CA MET A 30 -7.17 14.88 13.96
CA MET A 30 -7.17 14.88 13.97
C MET A 30 -7.86 15.86 13.02
N PRO A 31 -7.36 16.01 11.80
CA PRO A 31 -8.02 16.88 10.82
C PRO A 31 -9.14 16.11 10.11
N SER A 32 -9.95 16.86 9.37
CA SER A 32 -10.81 16.19 8.42
C SER A 32 -9.94 15.59 7.32
N GLN A 33 -10.43 14.52 6.70
CA GLN A 33 -9.62 13.72 5.81
C GLN A 33 -10.16 13.73 4.39
N ARG A 34 -9.30 14.03 3.44
CA ARG A 34 -9.68 14.07 2.03
C ARG A 34 -9.85 12.65 1.49
N PHE A 35 -11.06 12.33 1.06
CA PHE A 35 -11.33 11.06 0.41
C PHE A 35 -11.88 11.32 -0.98
N ARG A 36 -11.62 10.41 -1.89
CA ARG A 36 -12.30 10.44 -3.17
C ARG A 36 -13.60 9.68 -3.03
N TYR A 37 -14.69 10.29 -3.50
CA TYR A 37 -16.02 9.72 -3.52
C TYR A 37 -16.37 9.38 -4.97
N ILE A 38 -16.78 8.14 -5.20
CA ILE A 38 -17.07 7.67 -6.55
C ILE A 38 -18.42 6.99 -6.56
N GLU A 39 -19.32 7.45 -7.44
CA GLU A 39 -20.59 6.78 -7.64
C GLU A 39 -21.11 7.09 -9.04
N ASP A 40 -21.50 6.06 -9.78
CA ASP A 40 -22.02 6.21 -11.14
C ASP A 40 -20.96 6.84 -12.05
N GLU A 41 -19.71 6.49 -11.81
CA GLU A 41 -18.57 7.02 -12.56
C GLU A 41 -18.61 8.54 -12.68
N ASN A 42 -19.22 9.21 -11.71
CA ASN A 42 -18.89 10.58 -11.39
C ASN A 42 -18.08 10.58 -10.11
N MET A 43 -17.04 11.41 -10.09
CA MET A 43 -15.97 11.30 -9.12
C MET A 43 -15.76 12.67 -8.51
N ASN A 44 -15.68 12.75 -7.17
CA ASN A 44 -15.39 14.03 -6.56
C ASN A 44 -14.72 13.84 -5.21
N TRP A 45 -14.07 14.90 -4.74
CA TRP A 45 -13.39 14.89 -3.45
C TRP A 45 -14.37 15.26 -2.37
N THR A 46 -14.20 14.67 -1.20
CA THR A 46 -14.99 15.02 -0.04
C THR A 46 -14.11 14.92 1.20
N ASN A 47 -14.49 15.63 2.24
CA ASN A 47 -13.76 15.61 3.49
C ASN A 47 -14.59 14.79 4.48
N LEU A 48 -14.00 13.72 4.99
CA LEU A 48 -14.66 12.94 6.02
C LEU A 48 -14.20 13.42 7.38
N ASP A 49 -15.15 13.57 8.29
CA ASP A 49 -14.83 13.89 9.67
CA ASP A 49 -14.82 13.90 9.67
C ASP A 49 -13.98 12.80 10.28
N SER A 50 -12.96 13.19 11.04
CA SER A 50 -12.16 12.23 11.78
C SER A 50 -11.81 12.84 13.12
N ARG A 51 -11.69 11.97 14.12
CA ARG A 51 -11.30 12.42 15.44
CA ARG A 51 -11.45 12.37 15.50
C ARG A 51 -10.71 11.24 16.19
N TRP A 52 -10.18 11.52 17.37
CA TRP A 52 -9.72 10.45 18.24
C TRP A 52 -10.93 9.82 18.92
N TYR A 53 -11.14 8.53 18.66
CA TYR A 53 -12.15 7.75 19.35
C TYR A 53 -11.92 7.79 20.85
N SER A 54 -10.66 7.63 21.26
CA SER A 54 -10.25 7.73 22.65
C SER A 54 -8.83 8.25 22.64
N GLN A 55 -8.43 8.85 23.75
CA GLN A 55 -7.04 9.30 23.86
C GLN A 55 -6.66 9.35 25.34
N ASN A 56 -5.47 8.85 25.64
CA ASN A 56 -4.92 8.96 26.97
C ASN A 56 -3.42 9.15 26.81
N SER A 57 -2.68 9.12 27.92
CA SER A 57 -1.27 9.45 27.77
CA SER A 57 -1.25 9.38 27.90
C SER A 57 -0.48 8.32 27.13
N LEU A 58 -1.05 7.13 27.00
CA LEU A 58 -0.36 6.02 26.34
C LEU A 58 -0.67 5.92 24.85
N LYS A 59 -1.88 6.26 24.43
CA LYS A 59 -2.27 5.96 23.06
C LYS A 59 -3.57 6.70 22.71
N ALA A 60 -3.82 6.81 21.41
CA ALA A 60 -5.09 7.35 20.91
C ALA A 60 -5.56 6.52 19.73
N ILE A 61 -6.87 6.24 19.68
CA ILE A 61 -7.45 5.41 18.62
C ILE A 61 -8.08 6.32 17.58
N PRO A 62 -7.65 6.26 16.32
CA PRO A 62 -8.24 7.14 15.29
C PRO A 62 -9.58 6.61 14.82
N MET A 63 -10.47 7.54 14.47
CA MET A 63 -11.76 7.13 13.94
CA MET A 63 -11.81 7.19 14.00
C MET A 63 -12.14 8.06 12.79
N ILE A 64 -12.74 7.46 11.76
CA ILE A 64 -13.20 8.19 10.58
C ILE A 64 -14.69 7.92 10.42
N ILE A 65 -15.47 8.97 10.18
CA ILE A 65 -16.92 8.88 10.10
C ILE A 65 -17.33 8.83 8.63
N VAL A 66 -18.05 7.79 8.25
CA VAL A 66 -18.38 7.50 6.85
C VAL A 66 -19.88 7.63 6.66
N PRO A 67 -20.36 8.60 5.88
CA PRO A 67 -21.80 8.71 5.64
C PRO A 67 -22.31 7.55 4.80
N VAL A 68 -23.57 7.18 5.09
CA VAL A 68 -24.27 6.12 4.38
C VAL A 68 -25.60 6.68 3.89
N PRO A 69 -25.86 6.71 2.59
CA PRO A 69 -27.20 7.10 2.13
C PRO A 69 -28.21 6.07 2.57
N GLN A 70 -29.46 6.50 2.72
CA GLN A 70 -30.48 5.60 3.22
C GLN A 70 -30.62 4.37 2.32
N GLY A 71 -30.66 3.21 2.96
CA GLY A 71 -30.79 1.96 2.26
C GLY A 71 -30.16 0.84 3.07
N GLU A 72 -30.03 -0.31 2.41
CA GLU A 72 -29.44 -1.51 3.00
C GLU A 72 -28.22 -1.86 2.17
N TRP A 73 -27.09 -2.11 2.83
CA TRP A 73 -25.81 -2.14 2.14
C TRP A 73 -24.94 -3.30 2.62
N THR A 74 -24.22 -3.89 1.68
CA THR A 74 -23.04 -4.67 2.03
C THR A 74 -21.84 -3.73 1.94
N VAL A 75 -21.07 -3.67 3.03
CA VAL A 75 -19.95 -2.76 3.15
C VAL A 75 -18.66 -3.58 3.20
N GLU A 76 -17.74 -3.28 2.31
CA GLU A 76 -16.46 -3.96 2.24
CA GLU A 76 -16.46 -3.96 2.22
C GLU A 76 -15.35 -2.93 2.36
N ILE A 77 -14.42 -3.17 3.27
CA ILE A 77 -13.37 -2.21 3.57
C ILE A 77 -12.04 -2.92 3.61
N SER A 78 -11.02 -2.31 3.01
CA SER A 78 -9.63 -2.72 3.16
CA SER A 78 -9.64 -2.73 3.20
C SER A 78 -8.86 -1.58 3.82
N MET A 79 -7.98 -1.91 4.75
CA MET A 79 -7.19 -0.89 5.43
C MET A 79 -5.74 -1.38 5.48
N GLU A 80 -4.81 -0.53 5.03
CA GLU A 80 -3.39 -0.85 5.04
C GLU A 80 -2.75 0.16 5.98
N GLY A 81 -2.45 -0.28 7.19
CA GLY A 81 -1.94 0.59 8.23
C GLY A 81 -0.44 0.67 8.21
N TYR A 82 0.07 1.87 8.05
CA TYR A 82 1.51 2.13 8.08
C TYR A 82 1.65 3.60 8.43
N GLN A 83 2.55 3.94 9.36
CA GLN A 83 2.61 5.28 9.92
C GLN A 83 4.05 5.69 9.64
N PRO A 84 4.31 6.31 8.49
CA PRO A 84 5.65 6.87 8.26
C PRO A 84 5.49 8.31 8.74
N THR A 85 6.58 8.84 9.28
CA THR A 85 6.66 10.21 9.75
C THR A 85 7.50 11.00 8.78
N SER A 86 7.14 12.25 8.56
CA SER A 86 7.89 13.03 7.61
C SER A 86 8.02 14.44 8.10
N SER A 87 9.14 15.05 7.72
N SER A 87 9.12 15.05 7.71
CA SER A 87 9.42 16.41 8.11
CA SER A 87 9.44 16.42 8.04
C SER A 87 8.41 17.37 7.47
C SER A 87 8.42 17.37 7.44
N THR A 88 8.42 18.61 7.93
CA THR A 88 7.59 19.66 7.36
C THR A 88 8.44 20.85 6.92
N THR A 89 9.76 20.73 6.97
CA THR A 89 10.66 21.85 6.78
C THR A 89 11.72 21.49 5.73
N ASP A 90 12.13 22.51 4.98
CA ASP A 90 12.87 22.38 3.75
C ASP A 90 14.37 22.19 4.05
N PRO A 91 15.14 21.62 3.10
CA PRO A 91 14.76 21.05 1.80
C PRO A 91 14.39 19.58 1.88
N ASN A 92 13.81 19.19 3.02
CA ASN A 92 13.48 17.79 3.28
C ASN A 92 11.99 17.60 3.56
N LYS A 93 11.15 18.45 2.98
CA LYS A 93 9.75 18.52 3.37
C LYS A 93 9.03 17.18 3.26
N ASP A 94 9.13 16.50 2.12
CA ASP A 94 8.32 15.29 1.96
C ASP A 94 9.12 14.02 2.20
N LYS A 95 10.23 14.11 2.90
CA LYS A 95 11.11 12.97 3.07
C LYS A 95 10.76 12.21 4.34
N GLN A 96 10.68 10.88 4.24
CA GLN A 96 10.32 10.07 5.40
C GLN A 96 11.49 10.02 6.37
N ASP A 97 11.23 10.37 7.64
CA ASP A 97 12.26 10.40 8.66
C ASP A 97 12.11 9.30 9.70
N GLY A 98 11.10 8.44 9.56
CA GLY A 98 10.93 7.35 10.52
C GLY A 98 9.51 6.83 10.43
N LEU A 99 9.04 6.26 11.54
CA LEU A 99 7.66 5.81 11.61
C LEU A 99 7.25 5.76 13.06
N ILE A 100 5.94 5.69 13.29
CA ILE A 100 5.40 5.32 14.60
C ILE A 100 4.91 3.89 14.51
N ALA A 101 5.41 3.04 15.40
CA ALA A 101 5.04 1.63 15.35
C ALA A 101 3.74 1.39 16.11
N TYR A 102 3.11 0.27 15.79
CA TYR A 102 1.94 -0.22 16.51
C TYR A 102 2.34 -1.23 17.57
N ASN A 103 1.41 -1.55 18.45
CA ASN A 103 1.58 -2.74 19.28
C ASN A 103 1.08 -3.96 18.51
N ASP A 104 1.18 -5.13 19.12
CA ASP A 104 0.80 -6.36 18.45
C ASP A 104 -0.50 -6.94 18.99
N ASP A 105 -1.37 -6.08 19.52
CA ASP A 105 -2.67 -6.51 20.05
C ASP A 105 -3.68 -6.48 18.91
N LEU A 106 -3.90 -7.64 18.28
CA LEU A 106 -4.81 -7.68 17.14
C LEU A 106 -6.28 -7.54 17.55
N SER A 107 -6.59 -7.58 18.85
N SER A 107 -6.59 -7.58 18.85
CA SER A 107 -7.94 -7.25 19.30
CA SER A 107 -7.94 -7.25 19.29
C SER A 107 -8.17 -5.75 19.33
C SER A 107 -8.17 -5.76 19.38
N GLU A 108 -7.13 -4.95 19.17
CA GLU A 108 -7.24 -3.48 19.08
C GLU A 108 -6.76 -3.13 17.69
N GLY A 109 -7.68 -3.22 16.73
CA GLY A 109 -7.34 -3.08 15.33
C GLY A 109 -8.42 -2.41 14.55
N TRP A 110 -8.42 -2.67 13.25
CA TRP A 110 -9.39 -2.11 12.32
C TRP A 110 -10.76 -2.75 12.56
N ASN A 111 -11.78 -1.91 12.72
CA ASN A 111 -13.15 -2.39 12.88
C ASN A 111 -14.10 -1.22 12.65
N VAL A 112 -15.40 -1.50 12.78
CA VAL A 112 -16.44 -0.49 12.56
C VAL A 112 -17.39 -0.44 13.74
N GLY A 113 -18.12 0.68 13.84
CA GLY A 113 -19.21 0.79 14.78
C GLY A 113 -20.25 1.79 14.28
N ILE A 114 -21.35 1.84 15.02
CA ILE A 114 -22.44 2.77 14.74
C ILE A 114 -22.02 4.18 15.09
N TYR A 115 -22.17 5.13 14.15
CA TYR A 115 -22.05 6.54 14.52
C TYR A 115 -23.44 7.18 14.66
N ASN A 116 -24.26 7.12 13.62
CA ASN A 116 -25.61 7.64 13.70
C ASN A 116 -26.54 6.89 12.76
N ASN A 117 -27.69 6.43 13.28
CA ASN A 117 -28.78 5.96 12.44
C ASN A 117 -28.35 4.83 11.50
N VAL A 118 -27.57 3.89 12.02
CA VAL A 118 -27.30 2.64 11.30
C VAL A 118 -27.38 1.48 12.28
N GLU A 119 -27.70 0.31 11.73
CA GLU A 119 -27.57 -0.97 12.40
C GLU A 119 -26.52 -1.77 11.65
N ILE A 120 -25.53 -2.31 12.36
CA ILE A 120 -24.44 -3.06 11.73
C ILE A 120 -24.56 -4.51 12.17
N THR A 121 -24.71 -5.43 11.19
CA THR A 121 -24.88 -6.84 11.49
C THR A 121 -23.91 -7.64 10.62
N ASN A 122 -23.80 -8.94 10.94
CA ASN A 122 -23.01 -9.89 10.16
C ASN A 122 -21.61 -9.36 9.84
N ASN A 123 -20.96 -8.82 10.85
CA ASN A 123 -19.61 -8.29 10.68
C ASN A 123 -18.59 -9.41 10.61
N LYS A 124 -17.53 -9.17 9.84
CA LYS A 124 -16.30 -9.97 9.91
C LYS A 124 -15.15 -9.00 9.73
N ALA A 125 -14.46 -8.72 10.84
CA ALA A 125 -13.32 -7.81 10.89
C ALA A 125 -12.07 -8.65 11.06
N ASP A 126 -11.20 -8.65 10.05
CA ASP A 126 -9.92 -9.37 10.07
C ASP A 126 -8.80 -8.36 10.30
N ASN A 127 -7.83 -8.76 11.12
CA ASN A 127 -6.69 -7.91 11.43
C ASN A 127 -5.39 -8.71 11.39
N THR A 128 -4.37 -8.14 10.78
CA THR A 128 -3.04 -8.75 10.72
C THR A 128 -1.98 -7.73 11.14
N LEU A 129 -0.76 -8.22 11.36
CA LEU A 129 0.36 -7.35 11.68
C LEU A 129 1.60 -7.79 10.90
N LYS A 130 2.60 -6.91 10.89
CA LYS A 130 3.94 -7.23 10.38
C LYS A 130 4.97 -6.81 11.44
N TYR A 131 5.76 -7.76 11.92
CA TYR A 131 6.84 -7.54 12.87
C TYR A 131 8.14 -7.15 12.17
N GLY A 132 9.08 -6.63 12.97
CA GLY A 132 10.45 -6.44 12.52
C GLY A 132 11.42 -7.48 13.04
N HIS A 133 12.46 -7.73 12.26
CA HIS A 133 13.51 -8.68 12.61
C HIS A 133 14.23 -8.24 13.88
N PRO A 134 14.67 -9.18 14.71
CA PRO A 134 15.26 -8.81 16.01
C PRO A 134 16.58 -8.06 15.91
N ASP A 135 17.23 -8.01 14.76
CA ASP A 135 18.45 -7.24 14.60
C ASP A 135 18.23 -5.94 13.88
N MET A 136 17.04 -5.72 13.33
CA MET A 136 16.78 -4.48 12.60
C MET A 136 16.75 -3.30 13.55
N GLU A 137 17.37 -2.20 13.13
CA GLU A 137 17.44 -0.99 13.93
C GLU A 137 17.03 0.17 13.04
N LEU A 138 16.05 0.95 13.49
CA LEU A 138 15.61 2.15 12.78
C LEU A 138 15.80 3.35 13.70
N ASN A 139 16.63 4.30 13.27
CA ASN A 139 16.95 5.46 14.10
C ASN A 139 17.39 5.02 15.49
N GLY A 140 18.20 3.97 15.53
CA GLY A 140 18.80 3.52 16.78
C GLY A 140 17.93 2.66 17.64
N CYS A 141 16.74 2.28 17.16
CA CYS A 141 15.77 1.58 17.99
C CYS A 141 15.45 0.23 17.39
N HIS A 142 15.31 -0.77 18.26
CA HIS A 142 14.98 -2.12 17.84
C HIS A 142 13.48 -2.36 17.92
N PHE A 143 13.07 -3.55 17.45
CA PHE A 143 11.65 -3.93 17.34
C PHE A 143 11.27 -5.13 18.20
N ASN A 144 11.95 -5.31 19.34
CA ASN A 144 11.79 -6.52 20.13
C ASN A 144 10.88 -6.43 21.35
N GLN A 145 10.03 -5.41 21.41
CA GLN A 145 9.05 -5.27 22.47
C GLN A 145 7.64 -5.21 21.92
N GLY A 146 7.39 -5.97 20.86
CA GLY A 146 6.06 -6.10 20.28
C GLY A 146 5.77 -5.08 19.21
N GLN A 147 6.74 -4.27 18.81
CA GLN A 147 6.46 -3.19 17.89
C GLN A 147 6.22 -3.73 16.49
N CYS A 148 5.16 -3.28 15.85
CA CYS A 148 4.78 -3.71 14.52
C CYS A 148 4.90 -2.55 13.55
N LEU A 149 5.46 -2.84 12.38
CA LEU A 149 5.60 -1.79 11.38
CA LEU A 149 5.62 -1.83 11.34
C LEU A 149 4.29 -1.52 10.66
N GLU A 150 3.47 -2.57 10.52
CA GLU A 150 2.23 -2.48 9.71
C GLU A 150 1.10 -3.25 10.41
N ARG A 151 -0.12 -2.74 10.27
CA ARG A 151 -1.35 -3.35 10.83
C ARG A 151 -2.43 -3.26 9.75
N ASP A 152 -2.75 -4.38 9.10
CA ASP A 152 -3.74 -4.38 7.98
C ASP A 152 -5.10 -4.90 8.45
N GLY A 153 -6.17 -4.47 7.78
CA GLY A 153 -7.52 -4.89 8.07
C GLY A 153 -8.27 -5.23 6.81
N ASP A 154 -9.15 -6.21 6.92
CA ASP A 154 -10.09 -6.51 5.84
C ASP A 154 -11.44 -6.79 6.49
N LEU A 155 -12.47 -6.07 6.06
CA LEU A 155 -13.72 -6.10 6.80
C LEU A 155 -14.89 -6.15 5.83
N THR A 156 -15.89 -6.97 6.16
CA THR A 156 -17.17 -6.96 5.44
C THR A 156 -18.27 -6.98 6.47
N CYS A 157 -19.31 -6.19 6.25
CA CYS A 157 -20.43 -6.19 7.17
C CYS A 157 -21.68 -5.77 6.44
N HIS A 158 -22.80 -5.84 7.15
CA HIS A 158 -24.10 -5.46 6.63
C HIS A 158 -24.58 -4.22 7.38
N ILE A 159 -24.97 -3.19 6.65
CA ILE A 159 -25.37 -1.93 7.27
C ILE A 159 -26.74 -1.52 6.74
N LYS A 160 -27.68 -1.32 7.66
CA LYS A 160 -29.02 -0.85 7.36
C LYS A 160 -29.19 0.51 8.01
N THR A 161 -29.58 1.52 7.22
CA THR A 161 -29.81 2.84 7.81
C THR A 161 -31.18 2.91 8.47
N THR A 162 -31.30 3.81 9.45
CA THR A 162 -32.56 4.04 10.14
C THR A 162 -32.94 5.51 10.12
N GLY A 163 -32.40 6.28 9.18
CA GLY A 163 -32.86 7.63 8.95
C GLY A 163 -31.83 8.41 8.14
N ASP A 164 -32.05 9.72 8.11
CA ASP A 164 -31.18 10.69 7.47
C ASP A 164 -29.91 10.83 8.30
N ASN A 165 -28.89 11.45 7.69
CA ASN A 165 -27.62 11.72 8.35
C ASN A 165 -27.00 10.46 8.93
N ALA A 166 -27.19 9.34 8.23
CA ALA A 166 -26.66 8.08 8.75
C ALA A 166 -25.16 7.95 8.48
N SER A 167 -24.46 7.31 9.40
CA SER A 167 -23.02 7.09 9.25
C SER A 167 -22.56 5.96 10.16
N PHE A 168 -21.53 5.25 9.72
CA PHE A 168 -20.77 4.38 10.63
C PHE A 168 -19.40 5.00 10.83
N PHE A 169 -18.65 4.48 11.80
CA PHE A 169 -17.27 4.89 11.93
C PHE A 169 -16.34 3.70 11.73
N VAL A 170 -15.14 4.00 11.26
CA VAL A 170 -14.04 3.04 11.18
C VAL A 170 -13.04 3.45 12.25
N VAL A 171 -12.64 2.51 13.11
CA VAL A 171 -11.48 2.75 13.98
C VAL A 171 -10.29 2.01 13.42
N GLY A 172 -9.11 2.56 13.67
CA GLY A 172 -7.86 1.92 13.35
C GLY A 172 -7.16 1.44 14.60
N PRO A 173 -6.07 0.69 14.41
CA PRO A 173 -5.21 0.36 15.54
C PRO A 173 -4.73 1.64 16.23
N ALA A 174 -4.41 1.51 17.51
CA ALA A 174 -4.05 2.68 18.29
C ALA A 174 -2.76 3.31 17.78
N VAL A 175 -2.75 4.64 17.78
CA VAL A 175 -1.54 5.43 17.61
C VAL A 175 -0.86 5.49 18.97
N GLN A 176 0.28 4.80 19.07
CA GLN A 176 0.99 4.66 20.33
C GLN A 176 1.83 5.89 20.60
N LYS A 177 1.70 6.41 21.82
CA LYS A 177 2.43 7.62 22.19
C LYS A 177 3.72 7.37 22.95
N GLN A 178 3.91 6.17 23.54
CA GLN A 178 5.10 5.97 24.35
C GLN A 178 6.36 5.86 23.48
N SER A 179 7.50 6.16 24.11
CA SER A 179 8.74 6.29 23.34
C SER A 179 9.16 4.99 22.68
N LYS A 180 8.83 3.82 23.25
CA LYS A 180 9.25 2.60 22.59
C LYS A 180 8.60 2.41 21.21
N TYR A 181 7.54 3.14 20.89
CA TYR A 181 6.92 3.06 19.58
C TYR A 181 7.33 4.21 18.67
N ASN A 182 8.14 5.14 19.18
CA ASN A 182 8.52 6.32 18.41
C ASN A 182 9.85 6.04 17.72
N TYR A 183 9.81 5.87 16.39
CA TYR A 183 11.01 5.75 15.58
C TYR A 183 11.21 6.96 14.66
N ALA A 184 10.59 8.10 14.98
CA ALA A 184 10.84 9.33 14.23
C ALA A 184 12.22 9.86 14.56
N VAL A 185 12.94 10.37 13.55
CA VAL A 185 14.33 10.76 13.79
C VAL A 185 14.39 11.80 14.92
N SER A 186 15.43 11.69 15.75
CA SER A 186 15.55 12.55 16.92
C SER A 186 16.01 13.93 16.53
N TYR A 187 15.41 14.92 17.17
CA TYR A 187 15.87 16.31 17.12
C TYR A 187 16.00 16.82 18.53
N GLY A 188 16.84 17.85 18.69
CA GLY A 188 17.01 18.45 20.01
C GLY A 188 15.79 19.22 20.47
N ALA A 189 14.93 19.60 19.54
CA ALA A 189 13.74 20.38 19.83
C ALA A 189 12.52 19.60 19.40
N TRP A 190 11.40 19.84 20.08
CA TRP A 190 10.11 19.35 19.60
C TRP A 190 9.92 19.78 18.16
N THR A 191 9.61 18.81 17.30
CA THR A 191 9.50 19.07 15.87
C THR A 191 8.24 18.40 15.35
N ASP A 192 7.37 19.18 14.71
CA ASP A 192 6.17 18.62 14.11
C ASP A 192 6.53 17.66 12.99
N ARG A 193 5.78 16.56 12.92
CA ARG A 193 5.86 15.64 11.81
C ARG A 193 4.46 15.38 11.27
N MET A 194 4.38 15.10 9.98
CA MET A 194 3.17 14.53 9.43
C MET A 194 3.28 13.02 9.55
N MET A 195 2.19 12.39 9.96
CA MET A 195 2.16 10.94 10.14
C MET A 195 0.99 10.39 9.34
N GLU A 196 1.27 9.47 8.42
CA GLU A 196 0.20 8.77 7.73
C GLU A 196 -0.50 7.80 8.67
N ILE A 197 -1.81 7.65 8.47
CA ILE A 197 -2.58 6.66 9.21
C ILE A 197 -2.71 5.37 8.41
N GLY A 198 -2.96 5.47 7.12
CA GLY A 198 -2.96 4.29 6.26
C GLY A 198 -3.88 4.53 5.08
N MET A 199 -3.95 3.53 4.21
CA MET A 199 -4.81 3.58 3.04
C MET A 199 -6.10 2.88 3.37
N ILE A 200 -7.23 3.55 3.12
CA ILE A 200 -8.54 3.00 3.40
C ILE A 200 -9.36 3.01 2.12
N ALA A 201 -9.93 1.86 1.77
CA ALA A 201 -10.82 1.75 0.63
C ALA A 201 -12.14 1.15 1.09
N ILE A 202 -13.23 1.88 0.85
CA ILE A 202 -14.56 1.50 1.30
C ILE A 202 -15.45 1.35 0.08
N ALA A 203 -16.24 0.27 0.05
CA ALA A 203 -17.25 0.06 -0.98
C ALA A 203 -18.58 -0.21 -0.31
N LEU A 204 -19.61 0.54 -0.70
CA LEU A 204 -20.99 0.33 -0.24
C LEU A 204 -21.78 -0.20 -1.43
N ASP A 205 -22.25 -1.46 -1.33
CA ASP A 205 -22.92 -2.17 -2.41
C ASP A 205 -24.37 -2.40 -1.99
N GLU A 206 -25.31 -1.70 -2.64
CA GLU A 206 -26.69 -1.72 -2.14
C GLU A 206 -27.27 -3.13 -2.23
N GLN A 207 -27.72 -3.65 -1.10
CA GLN A 207 -28.23 -5.00 -0.96
C GLN A 207 -27.30 -6.04 -1.58
N GLY A 208 -26.00 -5.74 -1.62
CA GLY A 208 -25.03 -6.65 -2.21
C GLY A 208 -25.34 -7.02 -3.65
N SER A 209 -26.04 -6.14 -4.38
CA SER A 209 -26.69 -6.51 -5.63
C SER A 209 -26.39 -5.58 -6.80
N SER A 210 -25.43 -4.65 -6.68
CA SER A 210 -25.16 -3.76 -7.80
C SER A 210 -24.46 -4.46 -8.96
N GLY A 211 -23.78 -5.57 -8.69
CA GLY A 211 -22.98 -6.23 -9.71
C GLY A 211 -21.74 -5.47 -10.15
N SER A 212 -21.36 -4.43 -9.44
CA SER A 212 -20.29 -3.56 -9.91
C SER A 212 -18.93 -4.20 -9.65
N VAL A 213 -18.08 -4.22 -10.67
CA VAL A 213 -16.73 -4.73 -10.56
C VAL A 213 -15.77 -3.55 -10.74
N LYS A 214 -14.60 -3.64 -10.10
CA LYS A 214 -13.61 -2.58 -10.17
C LYS A 214 -12.23 -3.21 -10.06
N THR A 215 -11.21 -2.39 -10.26
CA THR A 215 -9.87 -2.85 -9.98
C THR A 215 -9.70 -3.04 -8.48
N GLU A 216 -8.72 -3.88 -8.11
CA GLU A 216 -8.53 -4.25 -6.71
C GLU A 216 -7.05 -4.20 -6.38
N ARG A 217 -6.75 -4.34 -5.10
CA ARG A 217 -5.39 -4.42 -4.59
C ARG A 217 -5.17 -5.75 -3.89
N PRO A 218 -3.96 -6.27 -3.88
CA PRO A 218 -3.69 -7.53 -3.19
C PRO A 218 -3.44 -7.31 -1.71
N LYS A 219 -3.52 -8.41 -0.95
CA LYS A 219 -3.19 -8.39 0.46
C LYS A 219 -1.67 -8.37 0.62
N ARG A 220 -1.19 -7.52 1.52
CA ARG A 220 0.24 -7.36 1.69
C ARG A 220 0.86 -8.65 2.18
N VAL A 221 2.08 -8.93 1.72
CA VAL A 221 2.76 -10.16 2.05
C VAL A 221 3.68 -9.92 3.23
N GLY A 222 4.04 -11.02 3.90
CA GLY A 222 4.77 -10.94 5.14
C GLY A 222 3.91 -10.73 6.36
N HIS A 223 2.61 -10.55 6.19
CA HIS A 223 1.74 -10.29 7.32
C HIS A 223 1.34 -11.57 8.04
N SER A 224 1.07 -11.43 9.33
CA SER A 224 0.67 -12.53 10.19
C SER A 224 -0.62 -13.17 9.72
N MET A 225 -0.91 -14.33 10.30
CA MET A 225 -2.25 -14.87 10.24
C MET A 225 -3.23 -13.88 10.88
N ALA A 226 -4.43 -13.80 10.32
CA ALA A 226 -5.41 -12.83 10.77
C ALA A 226 -6.12 -13.31 12.04
N VAL A 227 -6.38 -12.38 12.94
CA VAL A 227 -7.35 -12.56 14.01
C VAL A 227 -8.66 -11.97 13.52
N SER A 228 -9.74 -12.74 13.63
CA SER A 228 -11.02 -12.34 13.09
C SER A 228 -12.05 -12.26 14.20
N THR A 229 -13.00 -11.32 14.05
CA THR A 229 -14.10 -11.24 15.00
C THR A 229 -15.37 -10.82 14.25
N TRP A 230 -16.51 -11.21 14.81
CA TRP A 230 -17.79 -10.69 14.35
C TRP A 230 -18.24 -9.50 15.17
N GLU A 231 -17.53 -9.18 16.25
CA GLU A 231 -17.98 -8.09 17.11
C GLU A 231 -17.69 -6.75 16.46
N THR A 232 -18.53 -5.78 16.78
CA THR A 232 -18.33 -4.40 16.37
C THR A 232 -17.84 -3.59 17.56
N ILE A 233 -17.54 -2.30 17.29
CA ILE A 233 -17.00 -1.38 18.28
C ILE A 233 -18.11 -0.46 18.75
N LYS A 234 -18.19 -0.22 20.06
CA LYS A 234 -19.30 0.58 20.52
C LYS A 234 -18.90 2.05 20.55
N LEU A 235 -19.88 2.91 20.29
CA LEU A 235 -19.63 4.34 20.36
C LEU A 235 -19.42 4.72 21.82
N PRO A 236 -18.36 5.47 22.15
CA PRO A 236 -18.10 5.79 23.55
C PRO A 236 -18.97 6.93 24.06
N LYS B 1 -22.69 -8.87 -27.73
CA LYS B 1 -21.31 -8.45 -27.49
C LYS B 1 -21.14 -8.07 -26.03
N LYS B 2 -20.37 -8.88 -25.30
CA LYS B 2 -19.99 -8.57 -23.93
C LYS B 2 -18.54 -8.09 -23.91
N TYR B 3 -18.31 -6.93 -23.33
CA TYR B 3 -16.96 -6.38 -23.20
C TYR B 3 -16.35 -6.85 -21.88
N ARG B 4 -15.26 -7.60 -21.97
CA ARG B 4 -14.67 -8.23 -20.79
C ARG B 4 -13.92 -7.21 -19.94
N PHE B 5 -13.82 -7.52 -18.65
CA PHE B 5 -13.04 -6.74 -17.71
C PHE B 5 -12.24 -7.70 -16.86
N ILE B 6 -10.91 -7.61 -16.93
CA ILE B 6 -10.00 -8.57 -16.31
C ILE B 6 -9.06 -7.83 -15.38
N VAL B 7 -8.83 -8.37 -14.19
CA VAL B 7 -7.91 -7.76 -13.23
C VAL B 7 -6.87 -8.79 -12.84
N TYR B 8 -5.60 -8.37 -12.82
CA TYR B 8 -4.52 -9.11 -12.19
C TYR B 8 -4.01 -8.28 -11.01
N THR B 9 -3.82 -8.92 -9.86
CA THR B 9 -3.23 -8.20 -8.74
C THR B 9 -2.27 -9.13 -8.01
N GLY B 10 -1.12 -8.58 -7.64
CA GLY B 10 -0.12 -9.37 -6.94
C GLY B 10 0.97 -8.50 -6.36
N VAL B 11 1.76 -9.12 -5.49
CA VAL B 11 2.95 -8.50 -4.91
C VAL B 11 4.14 -9.37 -5.30
N PRO B 12 4.75 -9.13 -6.45
CA PRO B 12 5.90 -9.95 -6.85
C PRO B 12 7.04 -9.84 -5.84
N VAL B 13 7.80 -10.93 -5.74
CA VAL B 13 8.92 -11.06 -4.82
C VAL B 13 10.05 -11.77 -5.55
N THR B 14 11.27 -11.58 -5.06
CA THR B 14 12.40 -12.27 -5.66
C THR B 14 13.45 -12.47 -4.57
N ARG B 15 14.40 -13.37 -4.83
CA ARG B 15 15.38 -13.75 -3.84
C ARG B 15 16.70 -13.05 -4.12
N ILE B 16 17.31 -12.50 -3.07
CA ILE B 16 18.58 -11.81 -3.15
C ILE B 16 19.56 -12.44 -2.16
N MET B 17 20.83 -12.06 -2.29
CA MET B 17 21.86 -12.47 -1.34
C MET B 17 22.54 -11.23 -0.79
N ALA B 18 22.62 -11.13 0.54
CA ALA B 18 23.15 -9.95 1.20
C ALA B 18 23.91 -10.36 2.44
N GLN B 19 25.05 -9.70 2.69
CA GLN B 19 25.86 -9.95 3.86
C GLN B 19 25.77 -8.84 4.90
N SER B 20 26.46 -7.73 4.72
CA SER B 20 26.34 -6.62 5.65
C SER B 20 25.87 -5.44 4.81
N THR B 21 25.31 -4.43 5.49
CA THR B 21 24.87 -3.23 4.80
C THR B 21 26.01 -2.47 4.13
N ASP B 22 27.26 -2.83 4.41
CA ASP B 22 28.40 -2.23 3.75
C ASP B 22 28.77 -2.95 2.45
N ASP B 23 28.12 -4.07 2.17
CA ASP B 23 28.41 -4.88 0.98
C ASP B 23 27.30 -4.72 -0.05
N ALA B 24 27.66 -4.87 -1.31
CA ALA B 24 26.65 -4.96 -2.36
C ALA B 24 25.83 -6.24 -2.22
N ILE B 25 24.71 -6.28 -2.92
CA ILE B 25 23.85 -7.46 -2.93
C ILE B 25 23.94 -8.15 -4.28
N SER B 26 23.53 -9.40 -4.29
CA SER B 26 23.44 -10.20 -5.50
C SER B 26 21.99 -10.60 -5.72
N LEU B 27 21.60 -10.73 -6.99
CA LEU B 27 20.23 -11.05 -7.37
C LEU B 27 20.19 -12.43 -8.02
N TYR B 28 19.40 -13.32 -7.44
CA TYR B 28 19.15 -14.61 -8.10
C TYR B 28 18.19 -14.41 -9.28
N ASP B 29 18.06 -15.45 -10.10
CA ASP B 29 17.05 -15.42 -11.16
C ASP B 29 15.68 -15.16 -10.54
N MET B 30 14.84 -14.40 -11.25
CA MET B 30 13.51 -14.13 -10.71
C MET B 30 12.64 -15.38 -10.78
N PRO B 31 11.78 -15.59 -9.78
CA PRO B 31 10.86 -16.74 -9.82
C PRO B 31 9.60 -16.36 -10.57
N SER B 32 8.75 -17.36 -10.79
CA SER B 32 7.40 -17.05 -11.25
C SER B 32 6.67 -16.32 -10.14
N GLN B 33 5.71 -15.48 -10.52
CA GLN B 33 5.05 -14.58 -9.59
C GLN B 33 3.59 -14.94 -9.45
N ARG B 34 3.16 -15.14 -8.21
CA ARG B 34 1.77 -15.49 -7.92
C ARG B 34 0.90 -14.24 -8.02
N PHE B 35 -0.05 -14.24 -8.96
CA PHE B 35 -1.01 -13.16 -9.11
C PHE B 35 -2.42 -13.71 -8.98
N ARG B 36 -3.33 -12.87 -8.51
CA ARG B 36 -4.74 -13.21 -8.56
C ARG B 36 -5.34 -12.71 -9.87
N TYR B 37 -6.10 -13.57 -10.54
CA TYR B 37 -6.83 -13.25 -11.75
C TYR B 37 -8.30 -13.15 -11.39
N ILE B 38 -8.94 -12.05 -11.76
CA ILE B 38 -10.32 -11.76 -11.38
C ILE B 38 -11.07 -11.38 -12.65
N GLU B 39 -12.08 -12.16 -12.99
CA GLU B 39 -12.97 -11.84 -14.10
C GLU B 39 -14.36 -12.34 -13.75
N ASP B 40 -15.36 -11.47 -13.90
CA ASP B 40 -16.75 -11.85 -13.65
C ASP B 40 -16.90 -12.49 -12.27
N GLU B 41 -16.46 -11.75 -11.26
CA GLU B 41 -16.46 -12.17 -9.83
C GLU B 41 -15.99 -13.61 -9.69
N ASN B 42 -15.10 -14.07 -10.57
CA ASN B 42 -14.51 -15.41 -10.46
C ASN B 42 -13.01 -15.17 -10.33
N MET B 43 -12.42 -15.77 -9.30
CA MET B 43 -11.04 -15.54 -8.91
C MET B 43 -10.24 -16.82 -9.03
N ASN B 44 -9.01 -16.72 -9.53
CA ASN B 44 -8.09 -17.85 -9.48
C ASN B 44 -6.68 -17.30 -9.31
N TRP B 45 -5.81 -18.14 -8.80
CA TRP B 45 -4.39 -17.84 -8.72
C TRP B 45 -3.71 -18.28 -10.01
N THR B 46 -2.72 -17.51 -10.44
CA THR B 46 -1.92 -17.88 -11.59
C THR B 46 -0.50 -17.42 -11.36
N ASN B 47 0.45 -18.08 -11.99
CA ASN B 47 1.85 -17.73 -11.84
C ASN B 47 2.29 -17.04 -13.13
N LEU B 48 2.65 -15.77 -13.05
CA LEU B 48 3.15 -15.04 -14.19
C LEU B 48 4.67 -15.18 -14.27
N ASP B 49 5.18 -15.28 -15.49
CA ASP B 49 6.61 -15.39 -15.68
C ASP B 49 7.26 -14.05 -15.38
N SER B 50 8.44 -14.09 -14.76
CA SER B 50 9.22 -12.88 -14.59
C SER B 50 10.69 -13.20 -14.78
N ARG B 51 11.44 -12.16 -15.11
CA ARG B 51 12.89 -12.28 -15.27
C ARG B 51 13.51 -10.89 -15.29
N TRP B 52 14.83 -10.84 -15.18
CA TRP B 52 15.50 -9.56 -15.30
C TRP B 52 15.51 -9.14 -16.76
N TYR B 53 14.86 -8.00 -17.04
CA TYR B 53 14.87 -7.43 -18.37
C TYR B 53 16.30 -7.04 -18.77
N SER B 54 17.04 -6.46 -17.82
CA SER B 54 18.41 -6.07 -18.06
C SER B 54 19.13 -6.08 -16.72
N GLN B 55 20.44 -6.21 -16.79
CA GLN B 55 21.26 -6.19 -15.58
C GLN B 55 22.67 -5.75 -15.97
N ASN B 56 23.21 -4.81 -15.24
CA ASN B 56 24.62 -4.44 -15.38
C ASN B 56 25.25 -4.50 -13.98
N SER B 57 26.53 -4.13 -13.88
CA SER B 57 27.22 -4.28 -12.59
C SER B 57 26.56 -3.60 -11.40
N LEU B 58 25.71 -2.60 -11.63
CA LEU B 58 25.14 -1.81 -10.54
C LEU B 58 23.67 -2.05 -10.28
N LYS B 59 22.91 -2.56 -11.24
CA LYS B 59 21.47 -2.59 -11.06
C LYS B 59 20.84 -3.57 -12.04
N ALA B 60 19.55 -3.87 -11.81
CA ALA B 60 18.80 -4.74 -12.70
C ALA B 60 17.35 -4.26 -12.78
N ILE B 61 16.75 -4.41 -13.95
CA ILE B 61 15.37 -3.99 -14.16
C ILE B 61 14.51 -5.24 -14.27
N PRO B 62 13.49 -5.41 -13.41
CA PRO B 62 12.64 -6.59 -13.48
C PRO B 62 11.56 -6.45 -14.54
N MET B 63 11.13 -7.59 -15.07
CA MET B 63 9.99 -7.60 -15.98
C MET B 63 9.05 -8.74 -15.63
N ILE B 64 7.75 -8.47 -15.80
CA ILE B 64 6.69 -9.45 -15.54
C ILE B 64 5.84 -9.54 -16.79
N ILE B 65 5.53 -10.77 -17.22
CA ILE B 65 4.85 -11.01 -18.48
C ILE B 65 3.37 -11.24 -18.21
N VAL B 66 2.52 -10.49 -18.91
CA VAL B 66 1.08 -10.47 -18.67
C VAL B 66 0.32 -10.91 -19.92
N PRO B 67 -0.38 -12.05 -19.89
CA PRO B 67 -1.19 -12.45 -21.04
C PRO B 67 -2.35 -11.49 -21.29
N VAL B 68 -2.69 -11.35 -22.57
CA VAL B 68 -3.82 -10.54 -23.01
C VAL B 68 -4.68 -11.42 -23.90
N PRO B 69 -5.98 -11.54 -23.63
CA PRO B 69 -6.84 -12.29 -24.54
C PRO B 69 -7.01 -11.52 -25.84
N GLN B 70 -7.48 -12.24 -26.86
CA GLN B 70 -7.69 -11.64 -28.17
C GLN B 70 -8.64 -10.45 -28.10
N GLY B 71 -8.28 -9.37 -28.78
CA GLY B 71 -9.14 -8.22 -28.88
C GLY B 71 -8.37 -6.94 -28.66
N GLU B 72 -9.11 -5.88 -28.39
CA GLU B 72 -8.54 -4.56 -28.13
C GLU B 72 -8.94 -4.12 -26.73
N TRP B 73 -7.99 -3.50 -26.02
CA TRP B 73 -8.12 -3.31 -24.59
C TRP B 73 -7.58 -1.95 -24.19
N THR B 74 -8.30 -1.26 -23.31
CA THR B 74 -7.69 -0.14 -22.61
C THR B 74 -7.12 -0.69 -21.30
N VAL B 75 -5.89 -0.30 -20.97
CA VAL B 75 -5.15 -0.94 -19.90
C VAL B 75 -4.83 0.14 -18.87
N GLU B 76 -5.10 -0.17 -17.61
CA GLU B 76 -4.79 0.71 -16.49
C GLU B 76 -3.96 -0.08 -15.49
N ILE B 77 -2.80 0.46 -15.13
CA ILE B 77 -1.94 -0.23 -14.17
C ILE B 77 -1.54 0.74 -13.06
N SER B 78 -1.60 0.27 -11.83
N SER B 78 -1.62 0.26 -11.83
CA SER B 78 -1.02 0.99 -10.71
CA SER B 78 -1.06 0.92 -10.67
C SER B 78 0.05 0.13 -10.08
C SER B 78 0.10 0.10 -10.15
N MET B 79 1.16 0.77 -9.72
CA MET B 79 2.30 0.07 -9.16
C MET B 79 2.79 0.83 -7.95
N GLU B 80 3.01 0.11 -6.85
CA GLU B 80 3.52 0.72 -5.63
C GLU B 80 4.81 -0.01 -5.26
N GLY B 81 5.94 0.59 -5.61
CA GLY B 81 7.24 -0.04 -5.42
C GLY B 81 7.77 0.20 -4.02
N TYR B 82 8.09 -0.89 -3.34
CA TYR B 82 8.68 -0.87 -2.01
C TYR B 82 9.34 -2.22 -1.84
N GLN B 83 10.58 -2.24 -1.33
CA GLN B 83 11.41 -3.43 -1.37
C GLN B 83 11.80 -3.67 0.08
N PRO B 84 10.96 -4.38 0.83
CA PRO B 84 11.36 -4.76 2.19
C PRO B 84 12.02 -6.12 2.00
N THR B 85 12.99 -6.40 2.86
CA THR B 85 13.75 -7.65 2.84
C THR B 85 13.47 -8.47 4.09
N SER B 86 13.52 -9.79 3.96
CA SER B 86 13.21 -10.68 5.06
C SER B 86 13.94 -12.00 4.86
N SER B 87 14.07 -12.76 5.94
N SER B 87 14.06 -12.77 5.94
CA SER B 87 14.80 -14.02 5.88
CA SER B 87 14.79 -14.03 5.91
C SER B 87 14.04 -15.05 5.07
C SER B 87 14.03 -15.08 5.10
N THR B 88 14.78 -16.02 4.52
CA THR B 88 14.15 -17.15 3.85
C THR B 88 13.93 -18.31 4.81
N THR B 89 14.52 -18.24 6.00
CA THR B 89 14.53 -19.31 6.98
C THR B 89 13.64 -18.97 8.16
N ASP B 90 13.48 -19.94 9.01
CA ASP B 90 12.93 -19.84 10.34
C ASP B 90 14.04 -19.55 11.35
N PRO B 91 13.75 -18.77 12.40
CA PRO B 91 12.50 -18.03 12.48
C PRO B 91 12.66 -16.76 11.68
N ASN B 92 11.78 -15.79 11.85
CA ASN B 92 11.87 -14.46 11.26
C ASN B 92 11.48 -14.42 9.80
N LYS B 93 10.94 -15.50 9.22
CA LYS B 93 10.58 -15.48 7.81
C LYS B 93 9.58 -14.37 7.49
N ASP B 94 8.67 -14.08 8.40
CA ASP B 94 7.65 -13.06 8.16
C ASP B 94 8.01 -11.69 8.74
N LYS B 95 9.26 -11.51 9.18
CA LYS B 95 9.69 -10.28 9.82
CA LYS B 95 9.68 -10.28 9.82
C LYS B 95 10.51 -9.44 8.86
N GLN B 96 10.17 -8.16 8.73
CA GLN B 96 10.96 -7.29 7.88
C GLN B 96 12.30 -7.03 8.54
N ASP B 97 13.38 -7.26 7.79
CA ASP B 97 14.72 -7.00 8.33
C ASP B 97 15.34 -5.71 7.82
N GLY B 98 14.73 -5.08 6.82
CA GLY B 98 15.29 -3.90 6.20
C GLY B 98 14.64 -3.69 4.84
N LEU B 99 15.41 -3.07 3.94
CA LEU B 99 14.88 -2.82 2.60
C LEU B 99 16.04 -2.57 1.65
N ILE B 100 15.76 -2.72 0.36
CA ILE B 100 16.64 -2.24 -0.71
C ILE B 100 16.06 -0.93 -1.22
N ALA B 101 16.87 0.12 -1.20
CA ALA B 101 16.40 1.42 -1.66
C ALA B 101 16.55 1.58 -3.16
N TYR B 102 15.83 2.55 -3.67
CA TYR B 102 15.89 2.96 -5.08
C TYR B 102 16.75 4.20 -5.22
N ASN B 103 17.14 4.49 -6.46
CA ASN B 103 17.65 5.83 -6.72
C ASN B 103 16.47 6.74 -7.07
N ASP B 104 16.77 8.01 -7.38
CA ASP B 104 15.73 8.99 -7.67
C ASP B 104 15.60 9.27 -9.16
N ASP B 105 15.94 8.29 -10.00
CA ASP B 105 15.93 8.40 -11.45
C ASP B 105 14.53 8.10 -11.98
N LEU B 106 13.72 9.15 -12.14
CA LEU B 106 12.36 8.93 -12.63
C LEU B 106 12.31 8.65 -14.12
N SER B 107 13.45 8.73 -14.83
CA SER B 107 13.52 8.29 -16.22
C SER B 107 13.56 6.78 -16.36
N GLU B 108 13.78 6.04 -15.26
CA GLU B 108 13.83 4.58 -15.22
C GLU B 108 12.81 4.11 -14.19
N GLY B 109 11.55 3.97 -14.62
CA GLY B 109 10.52 3.58 -13.69
C GLY B 109 9.59 2.58 -14.33
N TRP B 110 8.42 2.43 -13.72
CA TRP B 110 7.39 1.54 -14.25
C TRP B 110 6.96 1.89 -15.67
N ASN B 111 6.88 0.86 -16.52
CA ASN B 111 6.53 1.05 -17.93
C ASN B 111 6.11 -0.31 -18.48
N VAL B 112 5.72 -0.34 -19.76
CA VAL B 112 5.29 -1.57 -20.41
C VAL B 112 6.00 -1.71 -21.76
N GLY B 113 5.98 -2.94 -22.28
CA GLY B 113 6.48 -3.19 -23.62
C GLY B 113 5.76 -4.39 -24.22
N ILE B 114 6.02 -4.60 -25.51
CA ILE B 114 5.44 -5.73 -26.25
C ILE B 114 6.17 -7.01 -25.89
N TYR B 115 5.44 -8.05 -25.49
CA TYR B 115 6.08 -9.35 -25.34
C TYR B 115 5.77 -10.29 -26.50
N ASN B 116 4.50 -10.50 -26.83
CA ASN B 116 4.15 -11.33 -27.97
C ASN B 116 2.86 -10.83 -28.59
N ASN B 117 2.89 -10.53 -29.89
CA ASN B 117 1.68 -10.34 -30.68
C ASN B 117 0.73 -9.27 -30.12
N VAL B 118 1.28 -8.15 -29.67
CA VAL B 118 0.45 -6.99 -29.34
C VAL B 118 1.07 -5.76 -29.97
N GLU B 119 0.22 -4.76 -30.20
CA GLU B 119 0.63 -3.39 -30.46
C GLU B 119 0.17 -2.53 -29.29
N ILE B 120 1.06 -1.68 -28.80
CA ILE B 120 0.75 -0.79 -27.67
C ILE B 120 0.79 0.64 -28.18
N THR B 121 -0.33 1.34 -28.01
CA THR B 121 -0.44 2.74 -28.40
C THR B 121 -0.92 3.56 -27.22
N ASN B 122 -0.78 4.88 -27.35
CA ASN B 122 -1.27 5.82 -26.33
C ASN B 122 -0.64 5.55 -24.96
N ASN B 123 0.58 5.04 -24.93
CA ASN B 123 1.23 4.75 -23.65
C ASN B 123 1.54 6.03 -22.91
N LYS B 124 1.19 6.05 -21.62
CA LYS B 124 1.58 7.14 -20.72
C LYS B 124 1.94 6.51 -19.39
N ALA B 125 3.23 6.46 -19.10
CA ALA B 125 3.77 5.79 -17.91
C ALA B 125 4.23 6.87 -16.94
N ASP B 126 3.42 7.15 -15.91
CA ASP B 126 3.79 8.16 -14.93
C ASP B 126 4.53 7.54 -13.76
N ASN B 127 5.52 8.25 -13.25
CA ASN B 127 6.35 7.72 -12.18
C ASN B 127 6.59 8.78 -11.12
N THR B 128 6.57 8.34 -9.86
CA THR B 128 6.85 9.20 -8.71
C THR B 128 7.82 8.47 -7.77
N LEU B 129 8.32 9.21 -6.79
CA LEU B 129 9.23 8.65 -5.80
C LEU B 129 8.95 9.25 -4.43
N LYS B 130 9.51 8.61 -3.41
CA LYS B 130 9.54 9.15 -2.06
C LYS B 130 10.95 8.95 -1.50
N TYR B 131 11.59 10.04 -1.08
CA TYR B 131 12.93 9.98 -0.50
C TYR B 131 12.91 9.56 0.96
N GLY B 132 14.01 8.93 1.37
CA GLY B 132 14.36 8.90 2.79
C GLY B 132 15.00 10.22 3.22
N HIS B 133 14.71 10.62 4.44
CA HIS B 133 15.34 11.81 5.00
C HIS B 133 16.84 11.56 5.24
N PRO B 134 17.70 12.53 4.91
CA PRO B 134 19.15 12.30 5.10
C PRO B 134 19.53 11.92 6.52
N ASP B 135 18.78 12.37 7.53
CA ASP B 135 19.08 12.09 8.93
C ASP B 135 18.57 10.73 9.37
N MET B 136 17.66 10.12 8.61
CA MET B 136 17.15 8.81 8.99
C MET B 136 18.23 7.76 8.81
N GLU B 137 18.30 6.85 9.76
CA GLU B 137 19.29 5.79 9.74
C GLU B 137 18.56 4.46 9.86
N LEU B 138 18.92 3.51 9.02
CA LEU B 138 18.34 2.17 9.07
C LEU B 138 19.47 1.16 8.98
N ASN B 139 19.56 0.28 9.98
CA ASN B 139 20.58 -0.79 9.97
C ASN B 139 21.98 -0.24 9.74
N GLY B 140 22.27 0.88 10.39
CA GLY B 140 23.60 1.47 10.40
C GLY B 140 23.94 2.37 9.25
N CYS B 141 22.99 2.69 8.38
CA CYS B 141 23.22 3.46 7.16
C CYS B 141 22.19 4.58 7.07
N HIS B 142 22.64 5.74 6.61
CA HIS B 142 21.74 6.86 6.45
C HIS B 142 21.20 6.93 5.04
N PHE B 143 20.19 7.75 4.86
CA PHE B 143 19.59 8.03 3.56
C PHE B 143 20.16 9.27 2.90
N ASN B 144 21.45 9.50 3.12
CA ASN B 144 22.10 10.75 2.77
C ASN B 144 22.72 10.84 1.38
N GLN B 145 22.42 9.90 0.49
CA GLN B 145 22.90 9.99 -0.90
C GLN B 145 21.77 9.86 -1.91
N GLY B 146 20.58 10.32 -1.54
CA GLY B 146 19.47 10.35 -2.49
C GLY B 146 18.67 9.07 -2.52
N GLN B 147 18.85 8.19 -1.55
CA GLN B 147 18.15 6.91 -1.57
C GLN B 147 16.66 7.11 -1.36
N CYS B 148 15.87 6.41 -2.15
CA CYS B 148 14.42 6.50 -2.12
C CYS B 148 13.82 5.21 -1.57
N LEU B 149 12.82 5.37 -0.72
CA LEU B 149 12.14 4.21 -0.15
C LEU B 149 11.10 3.62 -1.09
N GLU B 150 10.45 4.47 -1.89
CA GLU B 150 9.28 4.07 -2.66
C GLU B 150 9.35 4.67 -4.06
N ARG B 151 8.87 3.89 -5.03
CA ARG B 151 8.78 4.34 -6.43
C ARG B 151 7.44 3.83 -6.96
N ASP B 152 6.55 4.76 -7.29
CA ASP B 152 5.20 4.40 -7.68
C ASP B 152 4.95 4.74 -9.14
N GLY B 153 4.01 4.01 -9.73
CA GLY B 153 3.67 4.19 -11.12
C GLY B 153 2.18 4.19 -11.34
N ASP B 154 1.76 4.94 -12.36
CA ASP B 154 0.39 4.99 -12.82
C ASP B 154 0.46 5.00 -14.35
N LEU B 155 -0.06 3.97 -14.99
CA LEU B 155 0.12 3.80 -16.43
C LEU B 155 -1.21 3.56 -17.11
N THR B 156 -1.41 4.16 -18.28
CA THR B 156 -2.49 3.78 -19.16
C THR B 156 -1.95 3.56 -20.56
N CYS B 157 -2.56 2.63 -21.28
CA CYS B 157 -2.22 2.43 -22.68
C CYS B 157 -3.36 1.69 -23.34
N HIS B 158 -3.24 1.54 -24.65
CA HIS B 158 -4.17 0.76 -25.45
C HIS B 158 -3.41 -0.42 -26.02
N ILE B 159 -3.95 -1.62 -25.89
CA ILE B 159 -3.29 -2.80 -26.39
C ILE B 159 -4.22 -3.50 -27.37
N LYS B 160 -3.70 -3.80 -28.56
CA LYS B 160 -4.43 -4.52 -29.60
C LYS B 160 -3.65 -5.79 -29.90
N THR B 161 -4.32 -6.94 -29.79
CA THR B 161 -3.64 -8.19 -30.14
C THR B 161 -3.51 -8.30 -31.65
N THR B 162 -2.38 -8.85 -32.09
CA THR B 162 -2.08 -9.01 -33.51
C THR B 162 -1.71 -10.44 -33.81
N GLY B 163 -2.11 -11.37 -32.96
CA GLY B 163 -1.81 -12.77 -33.15
C GLY B 163 -2.22 -13.52 -31.92
N ASP B 164 -2.05 -14.83 -31.98
CA ASP B 164 -2.48 -15.69 -30.89
C ASP B 164 -1.55 -15.54 -29.69
N ASN B 165 -2.06 -15.92 -28.52
CA ASN B 165 -1.26 -16.03 -27.29
C ASN B 165 -0.54 -14.71 -27.00
N ALA B 166 -1.31 -13.64 -27.02
CA ALA B 166 -0.74 -12.31 -26.90
C ALA B 166 -0.35 -12.00 -25.47
N SER B 167 0.66 -11.13 -25.32
CA SER B 167 1.08 -10.71 -24.00
C SER B 167 1.88 -9.42 -24.09
N PHE B 168 1.83 -8.63 -23.02
CA PHE B 168 2.76 -7.53 -22.82
C PHE B 168 3.60 -7.82 -21.59
N PHE B 169 4.56 -6.94 -21.30
CA PHE B 169 5.32 -7.03 -20.06
C PHE B 169 5.36 -5.69 -19.36
N VAL B 170 5.47 -5.75 -18.03
CA VAL B 170 5.65 -4.59 -17.17
C VAL B 170 7.10 -4.61 -16.70
N VAL B 171 7.78 -3.45 -16.78
CA VAL B 171 9.08 -3.28 -16.12
C VAL B 171 8.89 -2.41 -14.89
N GLY B 172 9.78 -2.60 -13.92
CA GLY B 172 9.83 -1.76 -12.75
C GLY B 172 11.07 -0.90 -12.72
N PRO B 173 11.11 0.02 -11.75
CA PRO B 173 12.33 0.76 -11.48
C PRO B 173 13.48 -0.18 -11.16
N ALA B 174 14.69 0.34 -11.31
CA ALA B 174 15.88 -0.49 -11.15
C ALA B 174 16.01 -0.98 -9.71
N VAL B 175 16.32 -2.27 -9.58
CA VAL B 175 16.72 -2.87 -8.31
C VAL B 175 18.23 -2.61 -8.18
N GLN B 176 18.59 -1.79 -7.22
CA GLN B 176 19.96 -1.33 -7.05
C GLN B 176 20.77 -2.34 -6.26
N LYS B 177 21.97 -2.65 -6.74
CA LYS B 177 22.80 -3.65 -6.11
C LYS B 177 23.91 -3.07 -5.25
N GLN B 178 24.24 -1.80 -5.43
CA GLN B 178 25.37 -1.23 -4.72
C GLN B 178 25.08 -1.12 -3.22
N SER B 179 26.17 -1.13 -2.44
CA SER B 179 26.02 -1.14 -0.98
C SER B 179 25.25 0.08 -0.47
N LYS B 180 25.35 1.24 -1.13
CA LYS B 180 24.66 2.41 -0.61
C LYS B 180 23.15 2.28 -0.68
N TYR B 181 22.63 1.36 -1.47
CA TYR B 181 21.18 1.11 -1.50
C TYR B 181 20.77 -0.08 -0.64
N ASN B 182 21.74 -0.77 -0.05
CA ASN B 182 21.46 -1.97 0.72
C ASN B 182 21.21 -1.59 2.18
N TYR B 183 19.96 -1.71 2.62
CA TYR B 183 19.61 -1.57 4.03
C TYR B 183 19.06 -2.86 4.61
N ALA B 184 19.38 -4.02 4.03
CA ALA B 184 18.98 -5.30 4.61
C ALA B 184 19.82 -5.55 5.84
N VAL B 185 19.22 -6.15 6.88
CA VAL B 185 19.96 -6.25 8.13
C VAL B 185 21.26 -7.02 7.92
N SER B 186 22.31 -6.62 8.64
CA SER B 186 23.60 -7.27 8.43
C SER B 186 23.60 -8.66 9.06
N TYR B 187 24.17 -9.62 8.33
CA TYR B 187 24.51 -10.94 8.84
C TYR B 187 26.01 -11.12 8.66
N GLY B 188 26.59 -12.06 9.43
CA GLY B 188 28.02 -12.31 9.31
C GLY B 188 28.39 -13.05 8.05
N ALA B 189 27.48 -13.83 7.49
CA ALA B 189 27.68 -14.57 6.25
C ALA B 189 26.75 -14.04 5.17
N TRP B 190 27.10 -14.33 3.90
CA TRP B 190 26.16 -14.08 2.80
C TRP B 190 24.88 -14.87 3.05
N THR B 191 23.76 -14.16 3.15
CA THR B 191 22.50 -14.74 3.61
C THR B 191 21.38 -14.38 2.63
N ASP B 192 20.66 -15.39 2.16
CA ASP B 192 19.55 -15.16 1.24
C ASP B 192 18.43 -14.39 1.94
N ARG B 193 17.85 -13.44 1.21
CA ARG B 193 16.65 -12.72 1.65
C ARG B 193 15.60 -12.80 0.55
N MET B 194 14.34 -12.74 0.97
CA MET B 194 13.26 -12.43 0.06
C MET B 194 13.10 -10.91 0.01
N MET B 195 12.91 -10.38 -1.19
CA MET B 195 12.74 -8.95 -1.39
C MET B 195 11.45 -8.74 -2.17
N GLU B 196 10.53 -7.95 -1.63
CA GLU B 196 9.35 -7.60 -2.40
C GLU B 196 9.74 -6.66 -3.52
N ILE B 197 9.03 -6.77 -4.65
CA ILE B 197 9.18 -5.83 -5.76
C ILE B 197 8.16 -4.71 -5.65
N GLY B 198 6.93 -5.02 -5.29
CA GLY B 198 5.92 -4.00 -5.09
C GLY B 198 4.54 -4.55 -5.39
N MET B 199 3.55 -3.70 -5.14
CA MET B 199 2.16 -3.99 -5.40
C MET B 199 1.85 -3.63 -6.85
N ILE B 200 1.29 -4.58 -7.62
CA ILE B 200 0.91 -4.31 -9.00
C ILE B 200 -0.56 -4.67 -9.18
N ALA B 201 -1.33 -3.75 -9.76
CA ALA B 201 -2.73 -4.00 -10.08
C ALA B 201 -2.94 -3.60 -11.53
N ILE B 202 -3.37 -4.57 -12.35
CA ILE B 202 -3.58 -4.40 -13.78
C ILE B 202 -5.05 -4.60 -14.09
N ALA B 203 -5.63 -3.68 -14.85
CA ALA B 203 -7.02 -3.84 -15.31
C ALA B 203 -7.05 -3.77 -16.83
N LEU B 204 -7.64 -4.78 -17.45
CA LEU B 204 -7.84 -4.84 -18.90
C LEU B 204 -9.33 -4.67 -19.18
N ASP B 205 -9.68 -3.59 -19.87
CA ASP B 205 -11.07 -3.21 -20.12
C ASP B 205 -11.28 -3.33 -21.63
N GLU B 206 -12.03 -4.33 -22.06
CA GLU B 206 -12.14 -4.59 -23.49
C GLU B 206 -12.79 -3.40 -24.21
N GLN B 207 -12.04 -2.83 -25.15
CA GLN B 207 -12.46 -1.66 -25.92
C GLN B 207 -12.92 -0.52 -25.02
N GLY B 208 -12.44 -0.49 -23.77
CA GLY B 208 -12.82 0.53 -22.81
C GLY B 208 -14.29 0.58 -22.49
N SER B 209 -15.03 -0.50 -22.74
CA SER B 209 -16.49 -0.43 -22.74
C SER B 209 -17.17 -1.43 -21.81
N SER B 210 -16.45 -2.02 -20.85
CA SER B 210 -17.08 -3.02 -19.97
C SER B 210 -18.08 -2.39 -19.02
N GLY B 211 -17.92 -1.11 -18.69
CA GLY B 211 -18.75 -0.49 -17.67
C GLY B 211 -18.24 -0.67 -16.25
N SER B 212 -17.02 -1.17 -16.09
N SER B 212 -17.02 -1.14 -16.07
CA SER B 212 -16.38 -1.27 -14.79
CA SER B 212 -16.50 -1.32 -14.72
C SER B 212 -16.40 0.07 -14.06
C SER B 212 -16.26 0.04 -14.07
N VAL B 213 -16.29 0.04 -12.74
CA VAL B 213 -16.23 1.27 -11.95
C VAL B 213 -14.79 1.80 -11.98
N LYS B 214 -14.60 2.98 -12.55
CA LYS B 214 -13.29 3.62 -12.59
C LYS B 214 -13.00 4.28 -11.25
N THR B 215 -12.03 3.76 -10.52
CA THR B 215 -11.50 4.45 -9.35
C THR B 215 -10.13 5.03 -9.71
N GLU B 216 -9.50 5.67 -8.73
CA GLU B 216 -8.11 6.08 -8.88
C GLU B 216 -7.32 5.65 -7.66
N ARG B 217 -6.10 5.20 -7.90
CA ARG B 217 -5.22 4.83 -6.80
C ARG B 217 -4.93 6.06 -5.96
N PRO B 218 -5.12 6.01 -4.64
CA PRO B 218 -4.77 7.18 -3.83
C PRO B 218 -3.27 7.40 -3.89
N LYS B 219 -2.88 8.62 -4.21
CA LYS B 219 -1.45 8.93 -4.27
C LYS B 219 -0.87 8.84 -2.86
N ARG B 220 0.11 7.94 -2.69
CA ARG B 220 0.70 7.72 -1.37
C ARG B 220 1.34 9.00 -0.82
N VAL B 221 1.43 9.06 0.50
CA VAL B 221 1.90 10.26 1.19
C VAL B 221 3.33 10.58 0.77
N GLY B 222 3.59 11.87 0.54
CA GLY B 222 4.93 12.38 0.34
C GLY B 222 5.55 12.13 -1.02
N HIS B 223 4.78 11.63 -1.99
CA HIS B 223 5.39 11.32 -3.27
C HIS B 223 5.56 12.57 -4.13
N SER B 224 6.59 12.54 -4.96
CA SER B 224 6.94 13.62 -5.87
C SER B 224 5.82 13.82 -6.91
N MET B 225 5.91 14.96 -7.62
CA MET B 225 5.07 15.12 -8.80
C MET B 225 5.48 14.07 -9.83
N ALA B 226 4.52 13.63 -10.62
CA ALA B 226 4.80 12.58 -11.59
C ALA B 226 5.61 13.08 -12.76
N VAL B 227 6.52 12.24 -13.24
CA VAL B 227 7.23 12.45 -14.50
C VAL B 227 6.70 11.41 -15.48
N SER B 228 6.34 11.84 -16.69
CA SER B 228 5.77 10.93 -17.69
C SER B 228 6.83 10.36 -18.63
N THR B 229 6.75 9.06 -18.89
CA THR B 229 7.52 8.39 -19.95
C THR B 229 6.53 7.99 -21.04
N TRP B 230 6.84 8.28 -22.31
CA TRP B 230 5.89 7.99 -23.38
C TRP B 230 6.24 6.73 -24.17
N GLU B 231 7.51 6.53 -24.51
CA GLU B 231 7.88 5.38 -25.32
C GLU B 231 7.80 4.10 -24.51
N THR B 232 7.35 3.03 -25.16
CA THR B 232 7.33 1.73 -24.52
C THR B 232 8.74 1.14 -24.50
N ILE B 233 8.90 0.10 -23.68
CA ILE B 233 10.15 -0.63 -23.57
C ILE B 233 10.26 -1.63 -24.71
N LYS B 234 11.44 -1.69 -25.32
CA LYS B 234 11.70 -2.59 -26.44
C LYS B 234 12.46 -3.80 -25.96
N LEU B 235 12.02 -4.99 -26.34
CA LEU B 235 12.77 -6.18 -25.98
C LEU B 235 14.07 -6.23 -26.79
N PRO B 236 15.18 -6.70 -26.19
CA PRO B 236 16.42 -6.94 -26.94
C PRO B 236 16.30 -8.17 -27.83
#